data_4NVL
#
_entry.id   4NVL
#
_cell.length_a   50.810
_cell.length_b   73.610
_cell.length_c   104.140
_cell.angle_alpha   90.00
_cell.angle_beta   90.00
_cell.angle_gamma   90.00
#
_symmetry.space_group_name_H-M   'P 21 21 21'
#
loop_
_entity.id
_entity.type
_entity.pdbx_description
1 polymer 'Cytochrome c peroxidase'
2 non-polymer 'PROTOPORPHYRIN IX CONTAINING FE'
3 non-polymer 1-(1H-benzimidazol-1-yl)propan-2-one
4 non-polymer 'PHOSPHATE ION'
5 water water
#
_entity_poly.entity_id   1
_entity_poly.type   'polypeptide(L)'
_entity_poly.pdbx_seq_one_letter_code
;LVHVASVEKGRSYEDFQKVYNAIALKLREDDEYDNYIGYGPVLVRLAWHISGTWDKHDNTGGSYGGTYRFKKEFNDPSNA
GLQNGFKFLEPIHKEFPWISSGDLFSLGGVTAVQEMQGPKIPWRCGRVDTPEDTTPDNGRLPDADKDAGYVRTFFQRLNM
NDREVVALMGAHALGKTHLKNSGYEGGGANNVFTNEFYLNLLNEDWKLEKNDANNEQWDSKSGYMMLPTDYSLIQDPKYL
SIVKEYANDQDKFFKDFSKAFEKLLENGITFPKDAPSPFIFKTLEEQGL
;
_entity_poly.pdbx_strand_id   A
#
loop_
_chem_comp.id
_chem_comp.type
_chem_comp.name
_chem_comp.formula
2NZ non-polymer 1-(1H-benzimidazol-1-yl)propan-2-one 'C10 H10 N2 O'
HEM non-polymer 'PROTOPORPHYRIN IX CONTAINING FE' 'C34 H32 Fe N4 O4'
PO4 non-polymer 'PHOSPHATE ION' 'O4 P -3'
#
# COMPACT_ATOMS: atom_id res chain seq x y z
N LEU A 1 -13.74 -20.50 5.98
CA LEU A 1 -14.34 -19.30 6.67
C LEU A 1 -15.08 -18.42 5.65
N VAL A 2 -16.27 -17.96 6.02
CA VAL A 2 -17.03 -17.01 5.20
C VAL A 2 -17.15 -15.69 5.96
N HIS A 3 -16.71 -14.59 5.31
CA HIS A 3 -16.87 -13.27 5.91
C HIS A 3 -17.80 -12.43 5.05
N VAL A 4 -19.02 -12.19 5.53
CA VAL A 4 -20.02 -11.54 4.74
C VAL A 4 -19.99 -10.04 5.09
N ALA A 5 -19.84 -9.21 4.10
CA ALA A 5 -19.89 -7.74 4.25
C ALA A 5 -21.24 -7.36 4.88
N SER A 6 -21.20 -6.49 5.88
CA SER A 6 -22.40 -5.99 6.55
C SER A 6 -22.27 -4.49 6.69
N VAL A 7 -23.04 -3.73 5.96
CA VAL A 7 -22.99 -2.26 5.98
C VAL A 7 -23.20 -1.76 7.41
N GLU A 8 -22.30 -0.89 7.86
CA GLU A 8 -22.51 -0.20 9.15
C GLU A 8 -23.90 0.37 9.15
N LYS A 9 -24.66 0.16 10.28
CA LYS A 9 -26.09 0.42 10.24
C LYS A 9 -26.44 1.85 9.93
N GLY A 10 -27.28 2.05 8.93
CA GLY A 10 -27.73 3.33 8.51
C GLY A 10 -26.82 4.16 7.64
N ARG A 11 -25.68 3.60 7.26
CA ARG A 11 -24.71 4.41 6.52
C ARG A 11 -24.82 4.29 5.01
N SER A 12 -24.47 5.37 4.36
CA SER A 12 -24.53 5.44 2.90
C SER A 12 -23.33 6.22 2.40
N TYR A 13 -23.28 6.40 1.09
N TYR A 13 -23.29 6.41 1.10
CA TYR A 13 -22.12 7.00 0.44
CA TYR A 13 -22.13 7.04 0.46
C TYR A 13 -21.65 8.27 1.09
C TYR A 13 -21.67 8.27 1.19
N GLU A 14 -22.60 9.14 1.46
N GLU A 14 -22.60 9.17 1.48
CA GLU A 14 -22.23 10.42 2.04
CA GLU A 14 -22.24 10.46 2.09
C GLU A 14 -21.53 10.30 3.39
C GLU A 14 -21.50 10.30 3.40
N ASP A 15 -21.90 9.30 4.18
CA ASP A 15 -21.21 9.06 5.45
C ASP A 15 -19.71 8.74 5.20
N PHE A 16 -19.45 7.88 4.20
N PHE A 16 -19.43 7.88 4.21
CA PHE A 16 -18.12 7.46 3.93
CA PHE A 16 -18.07 7.49 3.94
C PHE A 16 -17.30 8.56 3.25
C PHE A 16 -17.28 8.58 3.25
N GLN A 17 -17.95 9.39 2.45
CA GLN A 17 -17.30 10.55 1.88
C GLN A 17 -16.81 11.51 3.00
N LYS A 18 -17.60 11.62 4.07
N LYS A 18 -17.60 11.63 4.07
CA LYS A 18 -17.18 12.45 5.19
CA LYS A 18 -17.18 12.45 5.20
C LYS A 18 -15.91 11.91 5.84
C LYS A 18 -15.90 11.90 5.84
N VAL A 19 -15.78 10.58 5.97
CA VAL A 19 -14.60 9.98 6.52
C VAL A 19 -13.40 10.21 5.59
N TYR A 20 -13.62 9.94 4.30
CA TYR A 20 -12.60 10.22 3.28
C TYR A 20 -12.11 11.66 3.44
N ASN A 21 -13.03 12.59 3.60
CA ASN A 21 -12.66 14.00 3.64
C ASN A 21 -11.85 14.31 4.89
N ALA A 22 -12.22 13.75 6.03
CA ALA A 22 -11.45 13.95 7.28
C ALA A 22 -10.05 13.42 7.11
N ILE A 23 -9.90 12.23 6.50
CA ILE A 23 -8.56 11.70 6.24
C ILE A 23 -7.79 12.63 5.33
N ALA A 24 -8.45 13.04 4.25
CA ALA A 24 -7.82 13.90 3.25
C ALA A 24 -7.37 15.24 3.84
N LEU A 25 -8.22 15.82 4.68
CA LEU A 25 -7.87 17.13 5.30
C LEU A 25 -6.71 16.95 6.29
N LYS A 26 -6.63 15.84 6.96
CA LYS A 26 -5.56 15.59 7.93
C LYS A 26 -4.26 15.36 7.16
N LEU A 27 -4.34 14.68 6.02
CA LEU A 27 -3.18 14.50 5.17
C LEU A 27 -2.56 15.82 4.76
N ARG A 28 -3.41 16.77 4.42
CA ARG A 28 -2.96 18.12 4.04
C ARG A 28 -2.40 18.82 5.25
N GLU A 29 -2.98 18.64 6.42
CA GLU A 29 -2.62 19.39 7.63
C GLU A 29 -1.27 18.92 8.20
N ASP A 30 -1.10 17.60 8.29
CA ASP A 30 0.09 16.99 8.88
C ASP A 30 1.16 16.72 7.84
N ASP A 31 1.59 17.79 7.19
CA ASP A 31 2.48 17.76 6.03
C ASP A 31 3.99 17.53 6.38
N GLU A 32 4.34 17.68 7.65
N GLU A 32 4.36 17.69 7.64
CA GLU A 32 5.73 17.65 8.06
CA GLU A 32 5.78 17.65 8.02
C GLU A 32 6.28 16.24 8.16
C GLU A 32 6.30 16.22 8.18
N TYR A 33 5.40 15.26 8.39
CA TYR A 33 5.79 13.90 8.70
C TYR A 33 6.80 13.31 7.72
N ASP A 34 7.82 12.66 8.32
CA ASP A 34 8.84 11.96 7.56
C ASP A 34 9.46 12.83 6.53
N ASN A 35 10.08 13.94 7.01
CA ASN A 35 10.75 14.92 6.14
C ASN A 35 9.92 15.46 5.01
N TYR A 36 8.68 15.79 5.35
CA TYR A 36 7.73 16.41 4.46
C TYR A 36 7.23 15.51 3.37
N ILE A 37 7.35 14.19 3.58
CA ILE A 37 6.62 13.28 2.67
C ILE A 37 5.13 13.33 3.00
N GLY A 38 4.82 13.47 4.26
CA GLY A 38 3.46 13.34 4.73
C GLY A 38 3.03 11.90 4.89
N TYR A 39 1.82 11.69 5.41
CA TYR A 39 1.36 10.36 5.79
C TYR A 39 0.79 9.51 4.62
N GLY A 40 0.74 10.07 3.44
CA GLY A 40 0.08 9.32 2.34
C GLY A 40 0.71 7.95 2.15
N PRO A 41 2.02 7.90 1.95
CA PRO A 41 2.62 6.59 1.68
C PRO A 41 2.48 5.58 2.78
N VAL A 42 2.65 5.95 4.06
CA VAL A 42 2.47 4.99 5.15
C VAL A 42 1.02 4.48 5.23
N LEU A 43 0.05 5.31 4.87
CA LEU A 43 -1.34 4.83 4.86
C LEU A 43 -1.59 3.82 3.75
N VAL A 44 -0.90 4.01 2.61
CA VAL A 44 -1.05 3.00 1.53
C VAL A 44 -0.41 1.68 1.99
N ARG A 45 0.78 1.77 2.59
N ARG A 45 0.78 1.77 2.59
CA ARG A 45 1.46 0.59 3.10
CA ARG A 45 1.43 0.57 3.09
C ARG A 45 0.62 -0.12 4.18
C ARG A 45 0.58 -0.12 4.16
N LEU A 46 -0.04 0.65 5.03
CA LEU A 46 -0.90 0.05 6.07
C LEU A 46 -2.05 -0.74 5.42
N ALA A 47 -2.75 -0.11 4.47
CA ALA A 47 -3.85 -0.78 3.78
C ALA A 47 -3.39 -2.09 3.12
N TRP A 48 -2.20 -2.07 2.54
CA TRP A 48 -1.63 -3.29 1.97
C TRP A 48 -1.29 -4.35 3.01
N HIS A 49 -0.70 -3.93 4.10
CA HIS A 49 -0.32 -4.90 5.19
C HIS A 49 -1.47 -5.50 5.93
N ILE A 50 -2.56 -4.78 6.08
CA ILE A 50 -3.75 -5.33 6.71
C ILE A 50 -4.49 -6.29 5.77
N SER A 51 -4.26 -6.13 4.46
CA SER A 51 -4.86 -7.01 3.48
C SER A 51 -4.00 -8.20 3.12
N GLY A 52 -2.71 -7.98 3.10
CA GLY A 52 -1.71 -8.94 2.64
C GLY A 52 -1.44 -10.16 3.52
N THR A 53 -2.12 -10.22 4.65
CA THR A 53 -2.14 -11.41 5.52
C THR A 53 -3.09 -12.47 5.01
N TRP A 54 -3.90 -12.17 4.02
CA TRP A 54 -4.86 -13.14 3.52
C TRP A 54 -4.27 -14.40 2.96
N ASP A 55 -4.97 -15.52 3.18
CA ASP A 55 -4.61 -16.79 2.57
C ASP A 55 -5.83 -17.34 1.89
N LYS A 56 -5.80 -17.43 0.56
CA LYS A 56 -6.89 -17.92 -0.27
C LYS A 56 -7.33 -19.36 0.13
N HIS A 57 -6.42 -20.12 0.70
CA HIS A 57 -6.72 -21.56 0.94
C HIS A 57 -7.75 -21.74 2.04
N ASP A 58 -7.67 -20.94 3.09
CA ASP A 58 -8.63 -21.06 4.19
C ASP A 58 -9.37 -19.80 4.54
N ASN A 59 -9.20 -18.75 3.72
CA ASN A 59 -9.79 -17.43 4.02
C ASN A 59 -9.41 -16.89 5.41
N THR A 60 -8.24 -17.20 5.94
CA THR A 60 -7.74 -16.54 7.13
C THR A 60 -7.04 -15.20 6.76
N GLY A 61 -6.81 -14.30 7.72
CA GLY A 61 -6.25 -13.01 7.44
C GLY A 61 -7.18 -12.15 6.59
N GLY A 62 -6.58 -11.20 5.92
CA GLY A 62 -7.29 -10.26 5.09
C GLY A 62 -7.84 -9.07 5.85
N SER A 63 -8.35 -8.09 5.09
CA SER A 63 -8.78 -6.83 5.68
C SER A 63 -10.03 -6.91 6.50
N TYR A 64 -10.82 -7.95 6.35
CA TYR A 64 -12.19 -7.97 6.88
C TYR A 64 -12.27 -7.68 8.36
N GLY A 65 -11.44 -8.36 9.13
CA GLY A 65 -11.65 -8.40 10.59
C GLY A 65 -11.02 -7.27 11.35
N GLY A 66 -10.27 -6.41 10.70
CA GLY A 66 -9.65 -5.27 11.36
C GLY A 66 -8.62 -5.67 12.40
N THR A 67 -7.97 -6.81 12.21
CA THR A 67 -7.16 -7.43 13.28
C THR A 67 -5.86 -6.75 13.58
N TYR A 68 -5.40 -5.86 12.71
CA TYR A 68 -4.21 -5.07 13.00
C TYR A 68 -4.29 -4.30 14.33
N ARG A 69 -5.51 -4.08 14.80
CA ARG A 69 -5.73 -3.34 16.06
C ARG A 69 -5.25 -4.18 17.21
N PHE A 70 -5.02 -5.47 17.02
CA PHE A 70 -4.59 -6.40 18.12
C PHE A 70 -3.07 -6.51 18.17
N LYS A 71 -2.51 -6.65 19.37
N LYS A 71 -2.56 -6.67 19.40
CA LYS A 71 -1.07 -6.56 19.56
CA LYS A 71 -1.13 -6.67 19.70
C LYS A 71 -0.26 -7.57 18.74
C LYS A 71 -0.31 -7.56 18.77
N LYS A 72 -0.74 -8.80 18.57
CA LYS A 72 0.05 -9.78 17.83
C LYS A 72 0.39 -9.23 16.43
N GLU A 73 -0.61 -8.67 15.78
N GLU A 73 -0.61 -8.66 15.77
CA GLU A 73 -0.41 -8.17 14.39
CA GLU A 73 -0.41 -8.15 14.39
C GLU A 73 0.24 -6.78 14.36
C GLU A 73 0.26 -6.77 14.36
N PHE A 74 -0.18 -5.91 15.27
CA PHE A 74 0.40 -4.59 15.42
C PHE A 74 1.90 -4.69 15.62
N ASN A 75 2.32 -5.72 16.34
CA ASN A 75 3.73 -5.90 16.69
C ASN A 75 4.51 -6.79 15.72
N ASP A 76 3.88 -7.20 14.64
CA ASP A 76 4.57 -7.96 13.60
C ASP A 76 5.79 -7.18 13.12
N PRO A 77 6.97 -7.79 13.14
CA PRO A 77 8.17 -7.11 12.66
C PRO A 77 7.97 -6.54 11.25
N SER A 78 7.21 -7.27 10.42
CA SER A 78 6.88 -6.83 9.07
C SER A 78 6.07 -5.58 9.05
N ASN A 79 5.43 -5.23 10.19
CA ASN A 79 4.62 -4.02 10.29
C ASN A 79 5.33 -2.86 11.00
N ALA A 80 6.65 -2.96 11.19
CA ALA A 80 7.36 -1.87 11.87
C ALA A 80 7.24 -0.58 11.08
N GLY A 81 6.85 0.52 11.76
CA GLY A 81 6.62 1.78 11.12
C GLY A 81 5.15 2.07 10.89
N LEU A 82 4.32 1.05 10.80
CA LEU A 82 2.92 1.28 10.50
C LEU A 82 2.16 1.89 11.65
N GLN A 83 2.76 1.82 12.84
N GLN A 83 2.74 1.82 12.85
CA GLN A 83 2.15 2.46 14.01
CA GLN A 83 2.13 2.48 14.00
C GLN A 83 1.89 3.97 13.75
C GLN A 83 1.90 3.98 13.76
N ASN A 84 2.73 4.60 12.92
CA ASN A 84 2.58 6.02 12.56
C ASN A 84 1.22 6.21 11.79
N GLY A 85 0.92 5.23 10.94
CA GLY A 85 -0.34 5.25 10.21
C GLY A 85 -1.54 5.02 11.12
N PHE A 86 -1.39 4.08 12.03
CA PHE A 86 -2.43 3.82 13.01
C PHE A 86 -2.71 5.09 13.85
N LYS A 87 -1.66 5.75 14.30
N LYS A 87 -1.66 5.77 14.29
CA LYS A 87 -1.82 6.94 15.11
CA LYS A 87 -1.84 6.97 15.11
C LYS A 87 -2.50 8.08 14.33
C LYS A 87 -2.49 8.11 14.32
N PHE A 88 -2.16 8.25 13.05
CA PHE A 88 -2.80 9.21 12.18
C PHE A 88 -4.29 8.94 12.10
N LEU A 89 -4.66 7.65 11.98
CA LEU A 89 -6.07 7.28 11.86
C LEU A 89 -6.91 7.37 13.15
N GLU A 90 -6.21 7.37 14.29
N GLU A 90 -6.23 7.38 14.29
CA GLU A 90 -6.88 7.38 15.59
CA GLU A 90 -6.96 7.34 15.56
C GLU A 90 -7.89 8.51 15.78
C GLU A 90 -7.92 8.52 15.78
N PRO A 91 -7.54 9.76 15.51
CA PRO A 91 -8.54 10.84 15.60
C PRO A 91 -9.67 10.78 14.58
N ILE A 92 -9.40 10.15 13.44
CA ILE A 92 -10.45 9.95 12.49
C ILE A 92 -11.46 8.93 13.05
N HIS A 93 -10.95 7.88 13.67
N HIS A 93 -10.99 7.87 13.63
CA HIS A 93 -11.82 6.86 14.23
CA HIS A 93 -11.89 6.91 14.19
C HIS A 93 -12.63 7.40 15.40
C HIS A 93 -12.68 7.52 15.34
N LYS A 94 -11.99 8.31 16.16
CA LYS A 94 -12.66 9.03 17.29
C LYS A 94 -13.77 9.92 16.77
N GLU A 95 -13.62 10.59 15.63
CA GLU A 95 -14.64 11.43 15.04
C GLU A 95 -15.79 10.67 14.39
N PHE A 96 -15.47 9.49 13.82
CA PHE A 96 -16.42 8.63 13.13
C PHE A 96 -16.37 7.23 13.69
N PRO A 97 -16.75 6.99 14.95
CA PRO A 97 -16.50 5.72 15.58
C PRO A 97 -17.44 4.58 15.12
N TRP A 98 -18.39 4.98 14.31
CA TRP A 98 -19.32 4.01 13.65
C TRP A 98 -18.64 3.13 12.62
N ILE A 99 -17.51 3.60 12.07
CA ILE A 99 -16.85 2.82 11.01
C ILE A 99 -16.06 1.66 11.55
N SER A 100 -16.08 0.51 10.88
CA SER A 100 -15.30 -0.62 11.31
C SER A 100 -13.80 -0.38 11.14
N SER A 101 -12.98 -1.14 11.84
CA SER A 101 -11.53 -0.96 11.77
C SER A 101 -11.00 -1.30 10.37
N GLY A 102 -11.47 -2.41 9.83
CA GLY A 102 -11.02 -2.79 8.47
C GLY A 102 -11.47 -1.82 7.40
N ASP A 103 -12.68 -1.29 7.54
CA ASP A 103 -13.14 -0.25 6.65
C ASP A 103 -12.27 1.00 6.79
N LEU A 104 -11.91 1.40 8.01
CA LEU A 104 -11.06 2.57 8.16
C LEU A 104 -9.67 2.36 7.57
N PHE A 105 -9.03 1.25 7.89
CA PHE A 105 -7.68 1.01 7.40
C PHE A 105 -7.66 0.99 5.88
N SER A 106 -8.60 0.28 5.28
CA SER A 106 -8.62 0.19 3.82
C SER A 106 -8.96 1.54 3.19
N LEU A 107 -9.91 2.26 3.76
CA LEU A 107 -10.28 3.55 3.25
C LEU A 107 -9.14 4.55 3.36
N GLY A 108 -8.31 4.44 4.41
CA GLY A 108 -7.15 5.28 4.50
C GLY A 108 -6.23 5.11 3.31
N GLY A 109 -6.07 3.88 2.83
CA GLY A 109 -5.20 3.63 1.67
C GLY A 109 -5.80 4.19 0.38
N VAL A 110 -7.10 4.02 0.21
CA VAL A 110 -7.80 4.58 -0.95
C VAL A 110 -7.68 6.11 -0.99
N THR A 111 -7.96 6.74 0.17
CA THR A 111 -7.89 8.18 0.26
C THR A 111 -6.50 8.68 -0.05
N ALA A 112 -5.49 8.00 0.53
CA ALA A 112 -4.09 8.40 0.29
C ALA A 112 -3.75 8.32 -1.17
N VAL A 113 -4.08 7.20 -1.83
CA VAL A 113 -3.77 7.11 -3.25
C VAL A 113 -4.42 8.23 -4.08
N GLN A 114 -5.70 8.48 -3.82
CA GLN A 114 -6.42 9.49 -4.60
C GLN A 114 -5.89 10.89 -4.32
N GLU A 115 -5.64 11.18 -3.06
CA GLU A 115 -5.22 12.55 -2.69
C GLU A 115 -3.81 12.82 -3.20
N MET A 116 -3.01 11.78 -3.40
CA MET A 116 -1.67 11.85 -4.00
C MET A 116 -1.75 11.82 -5.54
N GLN A 117 -2.90 12.06 -6.13
CA GLN A 117 -3.15 12.24 -7.55
C GLN A 117 -3.08 10.91 -8.27
N GLY A 118 -3.33 9.84 -7.53
CA GLY A 118 -3.41 8.53 -8.17
C GLY A 118 -4.75 8.28 -8.83
N PRO A 119 -4.97 7.05 -9.30
CA PRO A 119 -6.28 6.73 -9.88
C PRO A 119 -7.38 6.70 -8.83
N LYS A 120 -8.61 6.83 -9.28
N LYS A 120 -8.61 6.83 -9.29
CA LYS A 120 -9.73 6.55 -8.39
CA LYS A 120 -9.76 6.50 -8.46
C LYS A 120 -9.77 5.05 -8.14
C LYS A 120 -9.65 5.01 -8.10
N ILE A 121 -9.97 4.67 -6.87
CA ILE A 121 -10.04 3.28 -6.43
C ILE A 121 -11.46 3.05 -5.89
N PRO A 122 -12.32 2.34 -6.63
CA PRO A 122 -13.63 2.05 -6.03
C PRO A 122 -13.46 1.30 -4.72
N TRP A 123 -14.35 1.54 -3.75
CA TRP A 123 -14.19 0.99 -2.43
C TRP A 123 -15.54 0.59 -1.90
N ARG A 124 -15.58 -0.56 -1.24
CA ARG A 124 -16.83 -1.08 -0.68
C ARG A 124 -16.66 -1.14 0.83
N CYS A 125 -17.78 -0.79 1.49
CA CYS A 125 -17.87 -0.89 2.94
C CYS A 125 -18.41 -2.24 3.38
N GLY A 126 -18.39 -2.45 4.69
CA GLY A 126 -18.98 -3.66 5.24
C GLY A 126 -18.05 -4.64 5.94
N ARG A 127 -16.77 -4.32 6.04
CA ARG A 127 -15.87 -5.14 6.83
C ARG A 127 -16.34 -5.07 8.28
N VAL A 128 -16.25 -6.19 8.99
CA VAL A 128 -16.74 -6.26 10.37
C VAL A 128 -15.64 -6.72 11.31
N ASP A 129 -15.44 -5.98 12.40
CA ASP A 129 -14.40 -6.31 13.34
C ASP A 129 -14.62 -7.71 13.92
N THR A 130 -13.59 -8.51 13.92
CA THR A 130 -13.65 -9.90 14.43
C THR A 130 -12.74 -9.97 15.67
N PRO A 131 -12.91 -11.02 16.49
CA PRO A 131 -12.18 -11.04 17.78
C PRO A 131 -10.69 -11.32 17.71
N GLU A 132 -10.02 -11.13 18.85
CA GLU A 132 -8.59 -11.27 18.92
C GLU A 132 -8.04 -12.60 18.41
N ASP A 133 -8.77 -13.68 18.66
CA ASP A 133 -8.33 -15.00 18.23
C ASP A 133 -8.42 -15.23 16.73
N THR A 134 -8.91 -14.24 15.99
CA THR A 134 -8.93 -14.34 14.53
C THR A 134 -7.72 -13.65 13.90
N THR A 135 -6.86 -13.09 14.74
CA THR A 135 -5.68 -12.36 14.26
C THR A 135 -4.74 -13.37 13.66
N PRO A 136 -4.30 -13.14 12.43
CA PRO A 136 -3.38 -14.09 11.83
C PRO A 136 -2.00 -14.00 12.47
N ASP A 137 -1.29 -15.11 12.55
CA ASP A 137 0.08 -15.11 13.08
C ASP A 137 1.01 -14.27 12.17
N ASN A 138 2.07 -13.76 12.75
CA ASN A 138 3.11 -13.05 12.01
C ASN A 138 3.76 -13.98 10.98
N GLY A 139 4.33 -13.37 9.94
CA GLY A 139 5.07 -14.10 8.94
C GLY A 139 4.40 -14.30 7.60
N ARG A 140 3.23 -13.69 7.40
CA ARG A 140 2.49 -13.87 6.16
C ARG A 140 2.78 -12.79 5.12
N LEU A 141 3.47 -11.74 5.52
CA LEU A 141 3.84 -10.67 4.60
C LEU A 141 5.18 -11.00 3.98
N PRO A 142 5.46 -10.46 2.78
CA PRO A 142 6.60 -10.95 2.01
C PRO A 142 7.97 -10.41 2.47
N ASP A 143 9.00 -11.22 2.22
CA ASP A 143 10.38 -10.82 2.38
C ASP A 143 10.85 -9.99 1.18
N ALA A 144 11.75 -9.06 1.46
N ALA A 144 11.75 -9.06 1.46
CA ALA A 144 12.30 -8.15 0.46
CA ALA A 144 12.30 -8.14 0.46
C ALA A 144 13.63 -8.63 -0.15
C ALA A 144 13.63 -8.61 -0.15
N ASP A 145 14.24 -9.64 0.48
CA ASP A 145 15.57 -10.10 0.07
C ASP A 145 15.60 -11.22 -0.96
N LYS A 146 14.49 -11.39 -1.64
CA LYS A 146 14.21 -12.55 -2.45
C LYS A 146 14.11 -12.22 -3.95
N ASP A 147 13.93 -13.25 -4.76
CA ASP A 147 13.97 -13.13 -6.20
C ASP A 147 12.58 -13.23 -6.84
N ALA A 148 12.55 -13.19 -8.16
CA ALA A 148 11.29 -13.14 -8.87
C ALA A 148 10.44 -14.38 -8.61
N GLY A 149 11.06 -15.55 -8.53
CA GLY A 149 10.34 -16.75 -8.27
C GLY A 149 9.64 -16.74 -6.93
N TYR A 150 10.30 -16.19 -5.92
CA TYR A 150 9.70 -16.02 -4.64
C TYR A 150 8.49 -15.09 -4.72
N VAL A 151 8.67 -13.92 -5.39
CA VAL A 151 7.58 -12.97 -5.54
C VAL A 151 6.34 -13.59 -6.22
N ARG A 152 6.56 -14.32 -7.29
CA ARG A 152 5.49 -14.93 -8.06
C ARG A 152 4.73 -15.94 -7.21
N THR A 153 5.49 -16.79 -6.52
CA THR A 153 4.88 -17.84 -5.67
C THR A 153 4.12 -17.19 -4.52
N PHE A 154 4.75 -16.21 -3.88
CA PHE A 154 4.19 -15.50 -2.74
C PHE A 154 2.78 -15.01 -3.07
N PHE A 155 2.72 -14.30 -4.20
CA PHE A 155 1.52 -13.60 -4.56
C PHE A 155 0.39 -14.51 -5.06
N GLN A 156 0.74 -15.75 -5.39
CA GLN A 156 -0.30 -16.76 -5.66
C GLN A 156 -1.19 -16.99 -4.43
N ARG A 157 -0.64 -16.82 -3.24
CA ARG A 157 -1.45 -17.00 -2.06
C ARG A 157 -2.54 -15.96 -1.90
N LEU A 158 -2.32 -14.76 -2.53
CA LEU A 158 -3.22 -13.66 -2.51
C LEU A 158 -4.06 -13.63 -3.80
N ASN A 159 -4.00 -14.73 -4.55
CA ASN A 159 -4.67 -14.82 -5.84
C ASN A 159 -4.31 -13.68 -6.79
N MET A 160 -3.04 -13.31 -6.87
CA MET A 160 -2.57 -12.27 -7.79
C MET A 160 -1.69 -12.90 -8.89
N ASN A 161 -1.90 -12.50 -10.14
CA ASN A 161 -1.12 -12.97 -11.26
C ASN A 161 0.00 -11.99 -11.59
N ASP A 162 0.75 -12.26 -12.65
CA ASP A 162 1.93 -11.47 -12.97
C ASP A 162 1.62 -9.98 -13.12
N ARG A 163 0.58 -9.63 -13.88
N ARG A 163 0.57 -9.68 -13.87
CA ARG A 163 0.25 -8.24 -14.12
CA ARG A 163 0.19 -8.30 -14.15
C ARG A 163 -0.22 -7.59 -12.83
C ARG A 163 -0.25 -7.60 -12.87
N GLU A 164 -1.01 -8.31 -12.04
CA GLU A 164 -1.46 -7.76 -10.75
C GLU A 164 -0.31 -7.45 -9.80
N VAL A 165 0.67 -8.34 -9.79
CA VAL A 165 1.89 -8.18 -8.96
C VAL A 165 2.66 -6.97 -9.41
N VAL A 166 2.92 -6.88 -10.70
CA VAL A 166 3.72 -5.79 -11.22
C VAL A 166 3.01 -4.45 -11.01
N ALA A 167 1.69 -4.40 -11.23
CA ALA A 167 0.90 -3.18 -11.01
C ALA A 167 0.95 -2.83 -9.53
N LEU A 168 0.71 -3.76 -8.62
CA LEU A 168 0.70 -3.42 -7.19
C LEU A 168 2.05 -2.86 -6.73
N MET A 169 3.15 -3.40 -7.28
N MET A 169 3.15 -3.41 -7.25
CA MET A 169 4.49 -2.97 -6.85
CA MET A 169 4.46 -2.97 -6.77
C MET A 169 4.73 -1.51 -7.20
C MET A 169 4.80 -1.54 -7.26
N GLY A 170 3.99 -0.98 -8.17
CA GLY A 170 4.15 0.41 -8.57
C GLY A 170 3.87 1.36 -7.42
N ALA A 171 3.21 0.91 -6.36
CA ALA A 171 3.02 1.75 -5.20
C ALA A 171 4.36 2.11 -4.59
N HIS A 172 5.45 1.44 -4.94
CA HIS A 172 6.77 1.83 -4.50
C HIS A 172 7.30 3.11 -5.14
N ALA A 173 6.51 3.72 -6.02
CA ALA A 173 6.71 5.16 -6.37
C ALA A 173 6.63 6.02 -5.11
N LEU A 174 5.95 5.56 -4.09
CA LEU A 174 5.59 6.36 -2.93
C LEU A 174 6.50 6.12 -1.78
N GLY A 175 6.86 7.20 -1.08
CA GLY A 175 7.48 7.01 0.21
C GLY A 175 8.90 6.48 0.09
N LYS A 176 9.34 5.78 1.12
CA LYS A 176 10.72 5.33 1.20
C LYS A 176 10.89 4.22 2.22
N THR A 177 12.05 3.58 2.19
CA THR A 177 12.43 2.68 3.24
C THR A 177 13.15 3.47 4.37
N HIS A 178 13.10 2.85 5.50
CA HIS A 178 13.75 3.42 6.72
C HIS A 178 14.54 2.31 7.39
N LEU A 179 15.84 2.55 7.55
N LEU A 179 15.86 2.52 7.55
CA LEU A 179 16.71 1.51 8.08
CA LEU A 179 16.71 1.49 8.13
C LEU A 179 16.19 0.95 9.42
C LEU A 179 16.17 0.93 9.44
N LYS A 180 15.69 1.81 10.32
CA LYS A 180 15.20 1.39 11.62
C LYS A 180 13.93 0.51 11.56
N ASN A 181 13.13 0.64 10.49
CA ASN A 181 11.93 -0.18 10.33
C ASN A 181 12.21 -1.50 9.67
N SER A 182 12.93 -1.49 8.55
CA SER A 182 13.01 -2.67 7.70
C SER A 182 14.43 -3.16 7.38
N GLY A 183 15.42 -2.38 7.75
N GLY A 183 15.46 -2.38 7.69
N GLY A 183 15.57 -2.46 7.81
CA GLY A 183 16.81 -2.73 7.45
CA GLY A 183 16.82 -2.76 7.37
CA GLY A 183 16.94 -2.78 7.42
C GLY A 183 17.19 -2.37 6.03
C GLY A 183 17.24 -2.37 5.96
C GLY A 183 17.35 -2.36 6.02
N TYR A 184 16.48 -1.42 5.44
N TYR A 184 16.54 -1.40 5.39
N TYR A 184 16.62 -1.38 5.45
CA TYR A 184 16.80 -0.92 4.11
CA TYR A 184 16.84 -0.80 4.09
CA TYR A 184 16.89 -0.83 4.12
C TYR A 184 17.02 0.58 4.11
C TYR A 184 16.77 0.67 4.29
C TYR A 184 16.87 0.66 4.28
N GLU A 185 18.09 1.00 3.45
N GLU A 185 17.57 1.40 3.54
N GLU A 185 17.70 1.35 3.52
CA GLU A 185 18.50 2.40 3.43
CA GLU A 185 17.51 2.84 3.69
CA GLU A 185 17.66 2.78 3.59
C GLU A 185 17.72 3.17 2.37
C GLU A 185 17.47 3.54 2.36
C GLU A 185 17.65 3.45 2.26
N GLY A 186 16.94 4.15 2.82
N GLY A 186 16.72 4.63 2.31
N GLY A 186 16.72 4.39 2.09
CA GLY A 186 16.07 4.89 1.94
CA GLY A 186 16.75 5.52 1.18
CA GLY A 186 16.72 5.22 0.87
C GLY A 186 16.79 5.76 0.92
C GLY A 186 15.53 5.38 0.28
C GLY A 186 15.42 5.18 0.12
N GLY A 187 16.16 5.92 -0.23
N GLY A 187 15.62 6.03 -0.86
N GLY A 187 15.42 5.89 -0.98
CA GLY A 187 16.67 6.78 -1.27
CA GLY A 187 14.50 6.00 -1.81
CA GLY A 187 14.19 6.01 -1.81
C GLY A 187 15.73 7.94 -1.53
C GLY A 187 13.97 7.37 -2.15
C GLY A 187 14.00 7.43 -2.24
N GLY A 188 15.88 8.58 -2.68
N GLY A 188 14.47 8.41 -1.50
N GLY A 188 12.97 7.62 -3.05
CA GLY A 188 15.00 9.68 -3.05
CA GLY A 188 13.95 9.76 -1.81
CA GLY A 188 12.69 8.87 -3.67
C GLY A 188 13.56 9.25 -2.91
C GLY A 188 12.74 10.17 -0.96
C GLY A 188 12.07 9.92 -2.78
N ALA A 189 12.73 10.14 -2.36
N ALA A 189 11.86 10.98 -1.56
N ALA A 189 11.39 9.47 -1.72
CA ALA A 189 11.34 9.81 -2.09
CA ALA A 189 10.82 11.65 -0.76
CA ALA A 189 10.75 10.37 -0.77
C ALA A 189 10.40 10.85 -2.66
C ALA A 189 9.57 11.89 -1.59
C ALA A 189 9.61 11.11 -1.46
N ASN A 190 9.16 10.42 -2.94
N ASN A 190 9.24 10.97 -2.48
N ASN A 190 8.91 10.41 -2.34
CA ASN A 190 8.11 11.30 -3.44
CA ASN A 190 8.09 11.21 -3.33
CA ASN A 190 7.96 11.04 -3.21
C ASN A 190 6.75 10.96 -2.81
C ASN A 190 6.73 10.96 -2.70
C ASN A 190 6.56 10.83 -2.69
N ASN A 191 5.80 11.89 -2.91
N ASN A 191 5.80 11.90 -2.91
N ASN A 191 5.70 11.84 -2.87
CA ASN A 191 4.46 11.69 -2.37
CA ASN A 191 4.41 11.76 -2.44
CA ASN A 191 4.30 11.80 -2.39
C ASN A 191 3.37 11.99 -3.39
C ASN A 191 3.40 12.09 -3.50
C ASN A 191 3.29 12.12 -3.46
N VAL A 192 3.70 11.74 -4.64
CA VAL A 192 2.78 11.85 -5.77
C VAL A 192 2.74 10.46 -6.45
N PHE A 193 1.53 9.99 -6.69
CA PHE A 193 1.32 8.69 -7.26
C PHE A 193 1.48 8.81 -8.80
N THR A 194 2.52 8.17 -9.34
CA THR A 194 2.79 8.17 -10.78
C THR A 194 3.31 6.77 -11.14
N ASN A 195 3.67 6.57 -12.41
CA ASN A 195 4.38 5.34 -12.88
C ASN A 195 5.87 5.43 -12.73
N GLU A 196 6.37 6.32 -11.89
N GLU A 196 6.39 6.31 -11.89
CA GLU A 196 7.81 6.55 -11.79
CA GLU A 196 7.84 6.49 -11.83
C GLU A 196 8.62 5.34 -11.26
C GLU A 196 8.64 5.33 -11.27
N PHE A 197 8.00 4.42 -10.54
CA PHE A 197 8.70 3.17 -10.13
C PHE A 197 9.25 2.46 -11.34
N TYR A 198 8.43 2.33 -12.40
CA TYR A 198 8.83 1.60 -13.61
C TYR A 198 9.88 2.34 -14.40
N LEU A 199 9.69 3.65 -14.52
CA LEU A 199 10.69 4.48 -15.19
C LEU A 199 12.06 4.44 -14.46
N ASN A 200 12.00 4.49 -13.14
N ASN A 200 12.04 4.46 -13.14
CA ASN A 200 13.20 4.49 -12.30
CA ASN A 200 13.30 4.39 -12.40
C ASN A 200 13.92 3.15 -12.50
C ASN A 200 13.97 3.07 -12.63
N LEU A 201 13.19 2.01 -12.50
CA LEU A 201 13.74 0.68 -12.74
C LEU A 201 14.45 0.62 -14.06
N LEU A 202 13.85 1.13 -15.13
CA LEU A 202 14.39 0.97 -16.48
C LEU A 202 15.49 1.99 -16.80
N ASN A 203 15.41 3.17 -16.22
CA ASN A 203 16.27 4.27 -16.70
C ASN A 203 17.49 4.55 -15.86
N GLU A 204 17.48 4.14 -14.60
N GLU A 204 17.49 4.15 -14.59
CA GLU A 204 18.61 4.40 -13.74
CA GLU A 204 18.61 4.43 -13.70
C GLU A 204 19.73 3.38 -13.95
C GLU A 204 19.69 3.35 -13.79
N ASP A 205 20.91 3.77 -13.49
N ASP A 205 20.94 3.76 -13.61
CA ASP A 205 22.14 2.97 -13.51
CA ASP A 205 22.05 2.81 -13.63
C ASP A 205 22.28 2.33 -12.13
C ASP A 205 22.23 2.33 -12.20
N TRP A 206 21.93 1.06 -12.02
CA TRP A 206 21.84 0.41 -10.72
C TRP A 206 23.09 -0.37 -10.37
N LYS A 207 23.44 -0.33 -9.08
CA LYS A 207 24.57 -1.11 -8.51
C LYS A 207 24.14 -1.82 -7.24
N LEU A 208 24.40 -3.11 -7.15
CA LEU A 208 24.07 -3.88 -5.99
C LEU A 208 25.06 -3.56 -4.88
N GLU A 209 24.53 -3.25 -3.71
CA GLU A 209 25.34 -2.83 -2.54
C GLU A 209 24.85 -3.49 -1.33
N LYS A 210 25.64 -3.52 -0.26
CA LYS A 210 25.22 -4.07 1.02
C LYS A 210 25.16 -2.91 1.98
N ASN A 211 24.01 -2.72 2.59
CA ASN A 211 23.83 -1.56 3.46
C ASN A 211 24.33 -1.82 4.87
N ASP A 212 24.11 -0.84 5.74
CA ASP A 212 24.63 -0.92 7.13
C ASP A 212 23.93 -1.93 8.00
N ALA A 213 22.76 -2.38 7.59
CA ALA A 213 22.07 -3.45 8.26
C ALA A 213 22.42 -4.82 7.67
N ASN A 214 23.45 -4.88 6.81
N ASN A 214 23.48 -4.83 6.83
CA ASN A 214 23.91 -6.14 6.22
CA ASN A 214 23.97 -5.99 6.10
C ASN A 214 23.03 -6.67 5.10
C ASN A 214 22.91 -6.69 5.27
N ASN A 215 22.06 -5.88 4.66
CA ASN A 215 21.12 -6.34 3.63
C ASN A 215 21.53 -5.78 2.28
N GLU A 216 21.31 -6.58 1.25
N GLU A 216 21.28 -6.60 1.26
CA GLU A 216 21.58 -6.13 -0.09
CA GLU A 216 21.50 -6.24 -0.12
C GLU A 216 20.40 -5.31 -0.68
C GLU A 216 20.38 -5.31 -0.68
N GLN A 217 20.76 -4.26 -1.38
CA GLN A 217 19.81 -3.39 -2.13
C GLN A 217 20.47 -2.80 -3.33
N TRP A 218 19.71 -2.40 -4.32
CA TRP A 218 20.22 -1.82 -5.52
C TRP A 218 20.17 -0.31 -5.43
N ASP A 219 21.29 0.37 -5.67
CA ASP A 219 21.38 1.81 -5.50
C ASP A 219 21.85 2.47 -6.80
N SER A 220 21.34 3.66 -7.06
CA SER A 220 21.79 4.41 -8.26
C SER A 220 22.65 5.62 -7.84
N LYS A 221 23.51 6.09 -8.75
CA LYS A 221 24.37 7.24 -8.42
C LYS A 221 23.53 8.50 -8.23
N SER A 222 22.36 8.50 -8.83
N SER A 222 22.37 8.60 -8.84
CA SER A 222 21.41 9.61 -8.68
CA SER A 222 21.45 9.71 -8.68
C SER A 222 20.73 9.63 -7.31
C SER A 222 20.74 9.71 -7.34
N GLY A 223 20.92 8.58 -6.51
CA GLY A 223 20.45 8.61 -5.14
C GLY A 223 19.16 7.83 -4.90
N TYR A 224 18.82 6.96 -5.84
CA TYR A 224 17.59 6.11 -5.68
C TYR A 224 17.95 4.71 -5.25
N MET A 225 16.96 3.99 -4.73
CA MET A 225 17.15 2.58 -4.36
C MET A 225 16.02 1.70 -4.82
N MET A 226 16.32 0.41 -4.92
CA MET A 226 15.33 -0.66 -5.16
C MET A 226 15.64 -1.82 -4.24
N LEU A 227 14.62 -2.47 -3.70
CA LEU A 227 14.73 -3.76 -3.00
C LEU A 227 15.11 -4.83 -3.97
N PRO A 228 15.69 -5.93 -3.47
CA PRO A 228 15.89 -7.06 -4.40
C PRO A 228 14.55 -7.56 -5.03
N THR A 229 13.44 -7.53 -4.30
CA THR A 229 12.15 -7.93 -4.87
C THR A 229 11.69 -6.92 -5.90
N ASP A 230 11.97 -5.63 -5.74
CA ASP A 230 11.67 -4.66 -6.81
C ASP A 230 12.48 -4.98 -8.08
N TYR A 231 13.78 -5.14 -7.88
CA TYR A 231 14.68 -5.33 -9.01
C TYR A 231 14.40 -6.65 -9.76
N SER A 232 13.82 -7.59 -9.06
CA SER A 232 13.42 -8.89 -9.65
C SER A 232 12.45 -8.70 -10.79
N LEU A 233 11.72 -7.60 -10.77
CA LEU A 233 10.78 -7.31 -11.83
C LEU A 233 11.40 -6.96 -13.18
N ILE A 234 12.70 -6.64 -13.20
CA ILE A 234 13.41 -6.48 -14.45
C ILE A 234 14.38 -7.64 -14.71
N GLN A 235 14.55 -8.55 -13.76
N GLN A 235 14.53 -8.55 -13.77
CA GLN A 235 15.37 -9.73 -13.99
CA GLN A 235 15.37 -9.74 -13.96
C GLN A 235 14.56 -10.79 -14.73
C GLN A 235 14.59 -10.87 -14.60
N ASP A 236 13.30 -10.93 -14.35
CA ASP A 236 12.41 -11.97 -14.88
C ASP A 236 11.83 -11.45 -16.20
N PRO A 237 11.85 -12.27 -17.25
N PRO A 237 11.89 -12.21 -17.27
CA PRO A 237 11.43 -11.79 -18.58
CA PRO A 237 11.47 -11.57 -18.54
C PRO A 237 9.98 -11.37 -18.61
C PRO A 237 9.93 -11.39 -18.69
N LYS A 238 9.16 -12.15 -17.92
CA LYS A 238 7.73 -11.93 -17.86
C LYS A 238 7.35 -10.65 -17.16
N TYR A 239 7.97 -10.45 -16.01
CA TYR A 239 7.73 -9.23 -15.31
C TYR A 239 8.32 -8.03 -16.07
N LEU A 240 9.44 -8.21 -16.72
CA LEU A 240 10.08 -7.10 -17.46
C LEU A 240 9.14 -6.51 -18.53
N SER A 241 8.45 -7.35 -19.27
CA SER A 241 7.58 -6.88 -20.36
C SER A 241 6.51 -5.97 -19.75
N ILE A 242 5.99 -6.38 -18.60
CA ILE A 242 4.93 -5.61 -17.93
C ILE A 242 5.47 -4.33 -17.37
N VAL A 243 6.65 -4.34 -16.76
CA VAL A 243 7.33 -3.11 -16.35
C VAL A 243 7.42 -2.11 -17.50
N LYS A 244 7.88 -2.60 -18.67
CA LYS A 244 7.98 -1.74 -19.84
C LYS A 244 6.64 -1.19 -20.25
N GLU A 245 5.59 -1.99 -20.20
N GLU A 245 5.60 -2.02 -20.19
CA GLU A 245 4.29 -1.52 -20.55
CA GLU A 245 4.24 -1.59 -20.52
C GLU A 245 3.89 -0.36 -19.63
C GLU A 245 3.79 -0.43 -19.63
N TYR A 246 4.00 -0.54 -18.31
CA TYR A 246 3.56 0.53 -17.43
C TYR A 246 4.48 1.76 -17.52
N ALA A 247 5.77 1.58 -17.77
CA ALA A 247 6.64 2.74 -17.95
C ALA A 247 6.24 3.54 -19.14
N ASN A 248 5.50 2.95 -20.07
CA ASN A 248 5.17 3.62 -21.32
C ASN A 248 3.69 3.95 -21.47
N ASP A 249 2.92 3.68 -20.43
CA ASP A 249 1.49 3.93 -20.48
C ASP A 249 0.95 4.24 -19.09
N GLN A 250 0.96 5.52 -18.75
N GLN A 250 0.97 5.53 -18.76
CA GLN A 250 0.50 5.96 -17.44
CA GLN A 250 0.42 6.03 -17.50
C GLN A 250 -0.97 5.62 -17.18
C GLN A 250 -0.96 5.53 -17.22
N ASP A 251 -1.85 5.75 -18.17
CA ASP A 251 -3.26 5.43 -17.99
C ASP A 251 -3.44 3.96 -17.75
N LYS A 252 -2.73 3.12 -18.46
N LYS A 252 -2.75 3.11 -18.48
CA LYS A 252 -2.89 1.67 -18.28
CA LYS A 252 -2.90 1.65 -18.30
C LYS A 252 -2.43 1.27 -16.89
C LYS A 252 -2.42 1.22 -16.92
N PHE A 253 -1.34 1.83 -16.44
CA PHE A 253 -0.88 1.57 -15.11
C PHE A 253 -1.92 1.98 -14.06
N PHE A 254 -2.52 3.14 -14.23
CA PHE A 254 -3.52 3.64 -13.30
C PHE A 254 -4.69 2.70 -13.26
N LYS A 255 -5.17 2.28 -14.42
N LYS A 255 -5.17 2.27 -14.41
CA LYS A 255 -6.34 1.42 -14.49
CA LYS A 255 -6.37 1.47 -14.38
C LYS A 255 -6.10 0.07 -13.86
C LYS A 255 -6.10 0.06 -13.86
N ASP A 256 -4.95 -0.51 -14.18
CA ASP A 256 -4.57 -1.82 -13.63
C ASP A 256 -4.29 -1.78 -12.13
N PHE A 257 -3.59 -0.76 -11.66
CA PHE A 257 -3.39 -0.58 -10.25
C PHE A 257 -4.73 -0.50 -9.53
N SER A 258 -5.66 0.33 -10.04
CA SER A 258 -6.93 0.53 -9.36
C SER A 258 -7.62 -0.81 -9.19
N LYS A 259 -7.70 -1.61 -10.25
CA LYS A 259 -8.38 -2.90 -10.14
C LYS A 259 -7.66 -3.78 -9.13
N ALA A 260 -6.33 -3.89 -9.22
CA ALA A 260 -5.58 -4.81 -8.37
C ALA A 260 -5.65 -4.41 -6.90
N PHE A 261 -5.62 -3.09 -6.61
CA PHE A 261 -5.60 -2.58 -5.25
C PHE A 261 -7.00 -2.75 -4.65
N GLU A 262 -8.06 -2.51 -5.43
CA GLU A 262 -9.40 -2.82 -4.92
C GLU A 262 -9.51 -4.30 -4.58
N LYS A 263 -9.01 -5.16 -5.48
CA LYS A 263 -9.12 -6.60 -5.28
C LYS A 263 -8.34 -6.99 -3.98
N LEU A 264 -7.12 -6.48 -3.83
CA LEU A 264 -6.28 -6.73 -2.63
C LEU A 264 -7.09 -6.41 -1.37
N LEU A 265 -7.72 -5.24 -1.37
N LEU A 265 -7.76 -5.26 -1.37
CA LEU A 265 -8.44 -4.74 -0.21
CA LEU A 265 -8.49 -4.74 -0.20
C LEU A 265 -9.70 -5.54 0.08
C LEU A 265 -9.83 -5.45 0.02
N GLU A 266 -10.25 -6.22 -0.95
CA GLU A 266 -11.54 -6.97 -0.87
C GLU A 266 -11.36 -8.48 -0.77
N ASN A 267 -10.15 -8.97 -0.93
CA ASN A 267 -9.87 -10.42 -0.82
C ASN A 267 -10.47 -10.92 0.50
N GLY A 268 -11.18 -12.03 0.41
CA GLY A 268 -11.74 -12.74 1.58
C GLY A 268 -13.13 -12.32 1.93
N ILE A 269 -13.66 -11.27 1.33
CA ILE A 269 -15.00 -10.71 1.62
C ILE A 269 -16.04 -11.18 0.61
N THR A 270 -17.16 -11.70 1.11
CA THR A 270 -18.28 -12.02 0.35
C THR A 270 -19.27 -10.90 0.43
N PHE A 271 -19.58 -10.31 -0.72
CA PHE A 271 -20.53 -9.22 -0.80
C PHE A 271 -21.89 -9.79 -1.15
N PRO A 272 -22.88 -9.60 -0.28
CA PRO A 272 -24.22 -10.03 -0.70
C PRO A 272 -24.70 -9.41 -2.02
N LYS A 273 -25.62 -10.13 -2.68
CA LYS A 273 -26.04 -9.70 -4.03
C LYS A 273 -26.73 -8.33 -4.01
N ASP A 274 -27.30 -7.99 -2.85
CA ASP A 274 -27.96 -6.68 -2.64
C ASP A 274 -27.13 -5.63 -1.87
N ALA A 275 -25.82 -5.91 -1.73
CA ALA A 275 -24.89 -4.94 -1.15
C ALA A 275 -24.84 -3.73 -2.06
N PRO A 276 -24.55 -2.54 -1.48
N PRO A 276 -24.55 -2.54 -1.48
CA PRO A 276 -24.34 -1.36 -2.30
CA PRO A 276 -24.34 -1.36 -2.30
C PRO A 276 -23.24 -1.57 -3.33
C PRO A 276 -23.24 -1.57 -3.33
N SER A 277 -23.36 -0.86 -4.44
CA SER A 277 -22.28 -0.82 -5.46
C SER A 277 -21.04 -0.15 -4.82
N PRO A 278 -19.86 -0.43 -5.36
CA PRO A 278 -18.69 0.29 -4.85
C PRO A 278 -18.85 1.78 -4.92
N PHE A 279 -18.27 2.44 -3.95
CA PHE A 279 -18.25 3.90 -3.90
C PHE A 279 -17.01 4.44 -4.60
N ILE A 280 -17.17 5.54 -5.32
CA ILE A 280 -16.03 6.25 -5.91
C ILE A 280 -16.05 7.64 -5.24
N PHE A 281 -15.12 7.87 -4.34
CA PHE A 281 -15.07 9.10 -3.62
C PHE A 281 -14.48 10.23 -4.46
N LYS A 282 -15.04 11.41 -4.28
CA LYS A 282 -14.49 12.62 -4.81
C LYS A 282 -13.29 13.07 -3.99
N THR A 283 -12.25 13.60 -4.67
CA THR A 283 -11.12 14.16 -3.95
C THR A 283 -11.51 15.52 -3.33
N LEU A 284 -10.69 15.98 -2.40
CA LEU A 284 -10.89 17.35 -1.87
C LEU A 284 -10.96 18.34 -2.98
N GLU A 285 -10.00 18.24 -3.88
CA GLU A 285 -9.95 19.12 -5.02
C GLU A 285 -11.22 19.13 -5.91
N GLU A 286 -11.82 17.94 -6.16
CA GLU A 286 -13.03 17.86 -6.93
C GLU A 286 -14.26 18.49 -6.21
N GLN A 287 -14.17 18.55 -4.88
CA GLN A 287 -15.23 19.13 -4.05
C GLN A 287 -15.01 20.63 -3.84
N GLY A 288 -13.90 21.17 -4.29
CA GLY A 288 -13.56 22.56 -3.97
C GLY A 288 -13.21 22.78 -2.53
N LEU A 289 -12.76 21.75 -1.80
CA LEU A 289 -12.35 21.81 -0.40
C LEU A 289 -10.87 21.86 -0.20
CHA HEM B . 7.60 0.40 1.86
CHB HEM B . 8.73 -4.25 0.99
CHC HEM B . 4.85 -4.69 -1.82
CHD HEM B . 3.44 -0.14 -0.61
C1A HEM B . 8.23 -0.81 1.89
C2A HEM B . 9.37 -1.15 2.68
C3A HEM B . 9.70 -2.40 2.42
C4A HEM B . 8.76 -2.98 1.46
CMA HEM B . 10.91 -3.23 3.01
CAA HEM B . 10.07 -0.19 3.63
CBA HEM B . 9.36 -0.12 4.99
CGA HEM B . 10.08 0.89 5.89
O1A HEM B . 11.34 0.76 6.02
O2A HEM B . 9.44 1.86 6.41
C1B HEM B . 7.83 -4.76 0.13
C2B HEM B . 7.83 -6.09 -0.39
C3B HEM B . 6.78 -6.21 -1.25
C4B HEM B . 6.04 -4.95 -1.20
CMB HEM B . 8.93 -7.14 -0.12
CAB HEM B . 6.35 -7.35 -2.12
CBB HEM B . 7.21 -8.27 -2.58
C1C HEM B . 4.07 -3.56 -1.64
C2C HEM B . 2.75 -3.35 -2.15
C3C HEM B . 2.35 -2.11 -1.79
C4C HEM B . 3.41 -1.46 -1.04
CMC HEM B . 1.95 -4.41 -2.91
CAC HEM B . 1.02 -1.44 -1.97
CBC HEM B . 0.23 -1.56 -3.03
C1D HEM B . 4.52 0.39 0.08
C2D HEM B . 4.55 1.77 0.39
C3D HEM B . 5.82 1.99 1.12
C4D HEM B . 6.46 0.70 1.21
CMD HEM B . 3.57 2.88 -0.01
CAD HEM B . 6.38 3.32 1.66
CBD HEM B . 5.96 3.51 3.10
CGD HEM B . 6.59 4.73 3.76
O1D HEM B . 7.13 5.59 3.04
O2D HEM B . 6.51 4.77 5.03
NA HEM B . 7.86 -1.95 1.19
NB HEM B . 6.70 -4.07 -0.33
NC HEM B . 4.43 -2.38 -0.98
ND HEM B . 5.65 -0.27 0.56
FE HEM B . 6.19 -2.14 0.03
CAA 2NZ C . 10.62 5.91 -6.68
C 2NZ C . 10.82 4.47 -6.10
O 2NZ C . 10.64 3.51 -6.84
CA 2NZ C . 11.16 4.40 -4.63
N 2NZ C . 11.21 2.95 -4.10
CAL 2NZ C . 10.66 2.49 -2.92
CAF 2NZ C . 9.87 3.08 -1.98
CAD 2NZ C . 9.42 2.36 -0.90
CAC 2NZ C . 9.72 1.00 -0.82
CAE 2NZ C . 10.48 0.41 -1.79
CAK 2NZ C . 10.91 1.14 -2.85
NAI 2NZ C . 11.62 0.83 -3.98
CAG 2NZ C . 11.82 1.90 -4.70
P PO4 D . 10.06 7.91 10.62
O1 PO4 D . 11.09 8.55 9.75
O2 PO4 D . 9.19 6.97 9.83
O3 PO4 D . 10.74 7.11 11.69
O4 PO4 D . 9.19 8.98 11.25
P PO4 E . 21.38 5.27 -1.36
O1 PO4 E . 22.61 4.94 -2.15
O2 PO4 E . 21.12 4.28 -0.27
O3 PO4 E . 21.43 6.65 -0.75
O4 PO4 E . 20.22 5.16 -2.36
P PO4 F . -0.60 14.86 0.53
O1 PO4 F . 0.62 14.25 -0.05
O2 PO4 F . -0.85 16.28 0.06
O3 PO4 F . -0.35 14.93 2.00
O4 PO4 F . -1.81 14.00 0.14
CAA 2NZ G . -9.62 6.17 18.28
C 2NZ G . -10.24 4.80 18.11
O 2NZ G . -11.47 4.64 18.20
CA 2NZ G . -9.20 3.66 17.86
N 2NZ G . -9.51 2.73 16.76
CAL 2NZ G . -8.87 2.84 15.62
CAF 2NZ G . -7.99 3.71 15.28
CAD 2NZ G . -7.42 3.68 14.02
CAC 2NZ G . -7.87 2.74 13.13
CAE 2NZ G . -8.81 1.84 13.55
CAK 2NZ G . -9.29 1.94 14.77
NAI 2NZ G . -10.20 1.21 15.43
CAG 2NZ G . -10.34 1.71 16.65
#